data_7DWM
#
_entry.id   7DWM
#
_cell.length_a   133.664
_cell.length_b   133.664
_cell.length_c   89.514
_cell.angle_alpha   90.000
_cell.angle_beta   90.000
_cell.angle_gamma   120.000
#
_symmetry.space_group_name_H-M   'P 31 2 1'
#
loop_
_entity.id
_entity.type
_entity.pdbx_description
1 polymer 'Transcriptional regulator'
2 non-polymer 3,5-dimethylpyrazin-2-ol
3 water water
#
_entity_poly.entity_id   1
_entity_poly.type   'polypeptide(L)'
_entity_poly.pdbx_seq_one_letter_code
;GSHMSISEGDDAYIRSLIHFFGNQPDPWGIKDTKSVFIYANQPFRELVGMKNRNVEGLTDADMDCETAAFADSFQAQDRL
VEQGREKKIVLDVHPYANGWRVFTFTKTPLIMPSGRVAGTIFHGQDLTDTAGRIERAVVELLLPSSGQAGSFETNVVGLN
LTEREELVLFFLLRGRTAKDIAGMLGRSPRTIEHAIERIRNKFGAGNKRELIDMAMSKGYYSMVPKALFHTQVSMLLK
;
_entity_poly.pdbx_strand_id   A,B
#
loop_
_chem_comp.id
_chem_comp.type
_chem_comp.name
_chem_comp.formula
A1U non-polymer 3,5-dimethylpyrazin-2-ol 'C6 H8 N2 O'
#
# COMPACT_ATOMS: atom_id res chain seq x y z
N SER A 5 5.53 -29.72 -27.72
CA SER A 5 6.47 -28.60 -27.78
C SER A 5 6.50 -27.80 -26.49
N ILE A 6 7.22 -26.69 -26.54
CA ILE A 6 7.31 -25.74 -25.44
C ILE A 6 6.27 -24.66 -25.69
N SER A 7 5.98 -24.41 -26.98
CA SER A 7 4.95 -23.43 -27.28
C SER A 7 3.59 -23.93 -26.82
N GLU A 8 3.38 -25.25 -26.83
CA GLU A 8 2.17 -25.83 -26.25
C GLU A 8 1.96 -25.32 -24.84
N GLY A 9 3.01 -25.38 -24.03
CA GLY A 9 2.91 -24.92 -22.66
C GLY A 9 2.81 -23.42 -22.54
N ASP A 10 3.43 -22.70 -23.47
CA ASP A 10 3.34 -21.24 -23.41
C ASP A 10 1.97 -20.72 -23.82
N ASP A 11 1.18 -21.52 -24.53
CA ASP A 11 -0.20 -21.14 -24.82
C ASP A 11 -1.20 -21.71 -23.82
N ALA A 12 -0.91 -22.88 -23.24
CA ALA A 12 -1.68 -23.36 -22.11
C ALA A 12 -1.57 -22.44 -20.91
N TYR A 13 -0.36 -21.95 -20.63
CA TYR A 13 -0.14 -21.02 -19.53
C TYR A 13 -0.88 -19.70 -19.74
N ILE A 14 -0.91 -19.20 -20.98
CA ILE A 14 -1.60 -17.93 -21.23
C ILE A 14 -3.11 -18.09 -21.09
N ARG A 15 -3.66 -19.22 -21.53
CA ARG A 15 -5.10 -19.42 -21.34
C ARG A 15 -5.44 -19.70 -19.89
N SER A 16 -4.55 -20.39 -19.18
CA SER A 16 -4.58 -20.36 -17.71
C SER A 16 -4.74 -18.95 -17.20
N LEU A 17 -3.92 -18.00 -17.66
CA LEU A 17 -3.90 -16.71 -16.98
C LEU A 17 -5.10 -15.84 -17.35
N ILE A 18 -5.68 -16.01 -18.55
CA ILE A 18 -7.00 -15.42 -18.82
C ILE A 18 -8.11 -16.08 -17.99
N HIS A 19 -8.07 -17.40 -17.78
CA HIS A 19 -9.07 -17.92 -16.86
C HIS A 19 -8.87 -17.31 -15.46
N PHE A 20 -7.62 -17.14 -15.05
CA PHE A 20 -7.30 -16.51 -13.78
C PHE A 20 -7.89 -15.11 -13.68
N PHE A 21 -7.57 -14.25 -14.66
CA PHE A 21 -8.02 -12.85 -14.63
C PHE A 21 -9.53 -12.70 -14.77
N GLY A 22 -10.18 -13.59 -15.52
CA GLY A 22 -11.62 -13.47 -15.71
C GLY A 22 -12.49 -13.68 -14.50
N ASN A 23 -11.92 -14.00 -13.34
CA ASN A 23 -12.69 -14.24 -12.12
C ASN A 23 -12.11 -13.45 -10.95
N GLN A 24 -11.79 -12.18 -11.20
CA GLN A 24 -11.44 -11.21 -10.17
C GLN A 24 -12.15 -9.90 -10.47
N PRO A 25 -12.70 -9.24 -9.43
CA PRO A 25 -13.36 -7.95 -9.66
C PRO A 25 -12.40 -6.84 -10.05
N ASP A 26 -11.10 -7.05 -9.89
CA ASP A 26 -10.11 -6.05 -10.23
C ASP A 26 -9.86 -6.02 -11.73
N PRO A 27 -9.56 -4.85 -12.29
CA PRO A 27 -9.02 -4.79 -13.65
C PRO A 27 -7.69 -5.52 -13.76
N TRP A 28 -7.67 -6.61 -14.52
CA TRP A 28 -6.49 -7.44 -14.70
C TRP A 28 -6.20 -7.59 -16.18
N GLY A 29 -4.92 -7.69 -16.53
CA GLY A 29 -4.60 -7.94 -17.93
C GLY A 29 -3.12 -8.12 -18.15
N ILE A 30 -2.77 -8.50 -19.38
CA ILE A 30 -1.39 -8.64 -19.81
C ILE A 30 -1.26 -8.12 -21.24
N LYS A 31 -0.13 -7.45 -21.51
CA LYS A 31 0.20 -7.08 -22.88
C LYS A 31 1.63 -7.52 -23.20
N ASP A 32 2.03 -7.30 -24.44
CA ASP A 32 3.24 -7.86 -25.03
C ASP A 32 4.39 -6.87 -24.92
N THR A 33 5.52 -7.21 -25.56
CA THR A 33 6.68 -6.34 -25.64
C THR A 33 6.45 -5.15 -26.56
N LYS A 34 5.40 -5.19 -27.37
CA LYS A 34 4.96 -4.04 -28.15
C LYS A 34 3.86 -3.27 -27.44
N SER A 35 3.69 -3.51 -26.13
CA SER A 35 2.60 -2.97 -25.32
C SER A 35 1.23 -3.17 -25.95
N VAL A 36 1.07 -4.22 -26.77
CA VAL A 36 -0.20 -4.54 -27.39
C VAL A 36 -0.94 -5.56 -26.52
N PHE A 37 -2.23 -5.30 -26.28
CA PHE A 37 -3.04 -6.14 -25.39
C PHE A 37 -3.10 -7.58 -25.88
N ILE A 38 -2.91 -8.54 -24.98
CA ILE A 38 -3.24 -9.92 -25.28
C ILE A 38 -4.56 -10.33 -24.62
N TYR A 39 -4.79 -9.88 -23.40
CA TYR A 39 -6.11 -10.06 -22.79
C TYR A 39 -6.30 -9.03 -21.68
N ALA A 40 -7.57 -8.71 -21.43
CA ALA A 40 -7.97 -7.90 -20.29
C ALA A 40 -9.36 -8.35 -19.90
N ASN A 41 -9.57 -8.57 -18.61
CA ASN A 41 -10.85 -9.07 -18.12
C ASN A 41 -11.93 -8.00 -18.35
N GLN A 42 -13.18 -8.39 -18.08
CA GLN A 42 -14.28 -7.45 -18.21
C GLN A 42 -14.15 -6.23 -17.29
N PRO A 43 -13.63 -6.35 -16.06
CA PRO A 43 -13.40 -5.11 -15.27
C PRO A 43 -12.52 -4.08 -15.97
N PHE A 44 -11.37 -4.49 -16.51
CA PHE A 44 -10.50 -3.51 -17.15
C PHE A 44 -11.15 -2.93 -18.39
N ARG A 45 -11.75 -3.77 -19.23
CA ARG A 45 -12.40 -3.25 -20.42
C ARG A 45 -13.60 -2.38 -20.07
N GLU A 46 -14.16 -2.53 -18.87
CA GLU A 46 -15.25 -1.67 -18.44
C GLU A 46 -14.77 -0.38 -17.79
N LEU A 47 -13.52 -0.34 -17.30
CA LEU A 47 -13.01 0.91 -16.75
C LEU A 47 -12.64 1.88 -17.87
N VAL A 48 -12.13 1.35 -18.98
CA VAL A 48 -12.09 2.08 -20.24
C VAL A 48 -13.48 1.92 -20.82
N GLY A 49 -13.83 2.69 -21.84
CA GLY A 49 -15.16 2.68 -22.42
C GLY A 49 -15.60 1.37 -23.06
N MET A 50 -14.75 0.34 -22.98
CA MET A 50 -14.95 -0.93 -23.68
C MET A 50 -15.90 -1.84 -22.90
N LYS A 51 -17.08 -1.32 -22.61
CA LYS A 51 -18.13 -2.04 -21.83
C LYS A 51 -18.39 -3.41 -22.46
N ASN A 52 -18.98 -3.43 -23.66
CA ASN A 52 -19.24 -4.69 -24.33
C ASN A 52 -18.39 -4.92 -25.57
N ARG A 53 -17.78 -3.86 -26.11
CA ARG A 53 -16.90 -4.07 -27.28
C ARG A 53 -15.66 -4.75 -26.71
N ASN A 54 -15.30 -5.90 -27.27
CA ASN A 54 -14.26 -6.76 -26.66
C ASN A 54 -12.86 -6.43 -27.15
N VAL A 55 -12.64 -5.28 -27.76
CA VAL A 55 -11.37 -4.98 -28.50
C VAL A 55 -10.10 -5.34 -27.71
N GLU A 56 -9.22 -6.07 -28.41
CA GLU A 56 -7.91 -6.62 -27.94
C GLU A 56 -6.92 -6.58 -29.10
N GLY A 57 -5.63 -6.57 -28.79
CA GLY A 57 -4.54 -6.51 -29.79
C GLY A 57 -4.17 -5.07 -30.12
N LEU A 58 -4.88 -4.10 -29.56
CA LEU A 58 -4.61 -2.66 -29.78
C LEU A 58 -3.61 -2.16 -28.75
N THR A 59 -3.22 -0.89 -28.88
CA THR A 59 -2.31 -0.23 -27.92
C THR A 59 -3.13 0.44 -26.83
N ASP A 60 -2.48 1.15 -25.92
CA ASP A 60 -3.23 1.77 -24.83
C ASP A 60 -4.11 2.92 -25.31
N ALA A 61 -3.86 3.44 -26.51
CA ALA A 61 -4.72 4.45 -27.11
C ALA A 61 -6.00 3.74 -27.53
N ASP A 62 -6.82 3.45 -26.54
CA ASP A 62 -7.99 2.63 -26.73
C ASP A 62 -9.14 3.49 -27.26
N MET A 63 -10.34 2.89 -27.25
CA MET A 63 -11.58 3.54 -27.67
C MET A 63 -12.23 4.12 -26.41
N ASP A 64 -12.87 5.28 -26.54
CA ASP A 64 -13.91 5.72 -25.61
C ASP A 64 -13.42 5.96 -24.17
N CYS A 65 -12.22 6.54 -24.01
CA CYS A 65 -11.85 6.97 -22.67
C CYS A 65 -10.60 7.81 -22.71
N GLU A 66 -10.50 8.72 -21.73
CA GLU A 66 -9.44 9.73 -21.72
C GLU A 66 -8.09 9.13 -21.41
N THR A 67 -8.06 7.92 -20.83
CA THR A 67 -6.82 7.18 -20.61
C THR A 67 -5.89 7.26 -21.81
N ALA A 68 -6.46 7.25 -23.02
CA ALA A 68 -5.64 7.18 -24.23
C ALA A 68 -4.65 8.33 -24.32
N ALA A 69 -4.97 9.49 -23.74
CA ALA A 69 -4.03 10.61 -23.82
C ALA A 69 -2.71 10.31 -23.15
N PHE A 70 -2.69 9.40 -22.18
CA PHE A 70 -1.46 8.97 -21.53
C PHE A 70 -1.01 7.60 -22.00
N ALA A 71 -1.62 7.08 -23.07
CA ALA A 71 -1.23 5.78 -23.61
C ALA A 71 0.28 5.73 -23.81
N ASP A 72 0.82 6.75 -24.49
CA ASP A 72 2.25 6.91 -24.65
C ASP A 72 3.00 6.58 -23.37
N SER A 73 2.68 7.29 -22.28
CA SER A 73 3.50 7.13 -21.09
C SER A 73 3.25 5.79 -20.42
N PHE A 74 2.03 5.26 -20.58
CA PHE A 74 1.78 3.88 -20.17
C PHE A 74 2.84 2.95 -20.75
N GLN A 75 3.00 2.98 -22.08
CA GLN A 75 3.91 2.03 -22.69
C GLN A 75 5.33 2.26 -22.21
N ALA A 76 5.70 3.51 -21.89
CA ALA A 76 7.04 3.74 -21.37
C ALA A 76 7.26 2.95 -20.10
N GLN A 77 6.30 3.03 -19.16
CA GLN A 77 6.35 2.19 -17.97
C GLN A 77 6.48 0.74 -18.38
N ASP A 78 5.68 0.33 -19.37
CA ASP A 78 5.63 -1.05 -19.84
C ASP A 78 6.98 -1.59 -20.32
N ARG A 79 7.99 -0.74 -20.48
CA ARG A 79 9.28 -1.27 -20.89
C ARG A 79 10.30 -1.28 -19.76
N LEU A 80 10.10 -0.47 -18.72
CA LEU A 80 11.04 -0.42 -17.61
C LEU A 80 10.74 -1.47 -16.57
N VAL A 81 9.51 -1.97 -16.59
CA VAL A 81 9.22 -3.27 -15.99
C VAL A 81 9.95 -4.38 -16.74
N GLU A 82 9.94 -4.34 -18.07
CA GLU A 82 10.41 -5.49 -18.85
C GLU A 82 11.92 -5.67 -18.73
N GLN A 83 12.64 -4.59 -18.43
CA GLN A 83 14.11 -4.74 -18.26
C GLN A 83 14.41 -5.01 -16.78
N GLY A 84 13.47 -5.61 -16.04
CA GLY A 84 13.73 -5.91 -14.62
C GLY A 84 12.82 -7.00 -14.06
N ARG A 85 13.33 -7.72 -13.06
CA ARG A 85 12.56 -8.78 -12.34
C ARG A 85 11.47 -8.15 -11.48
N GLU A 86 11.81 -7.04 -10.82
CA GLU A 86 10.94 -6.35 -9.82
C GLU A 86 9.71 -5.72 -10.46
N LYS A 87 8.64 -5.55 -9.66
CA LYS A 87 7.37 -4.97 -10.10
C LYS A 87 7.40 -3.46 -9.87
N LYS A 88 6.56 -2.71 -10.59
CA LYS A 88 6.44 -1.27 -10.39
C LYS A 88 4.99 -0.88 -10.31
N ILE A 89 4.68 -0.02 -9.36
CA ILE A 89 3.32 0.43 -9.07
C ILE A 89 3.13 1.81 -9.68
N VAL A 90 2.02 1.97 -10.40
CA VAL A 90 1.65 3.23 -11.01
C VAL A 90 0.36 3.76 -10.41
N LEU A 91 0.44 4.99 -9.91
CA LEU A 91 -0.71 5.78 -9.51
C LEU A 91 -1.32 6.39 -10.76
N ASP A 92 -2.51 5.93 -11.12
CA ASP A 92 -3.24 6.39 -12.28
C ASP A 92 -4.49 7.10 -11.81
N VAL A 93 -4.49 8.42 -11.86
CA VAL A 93 -5.68 9.20 -11.54
C VAL A 93 -6.27 9.70 -12.85
N HIS A 94 -7.48 9.24 -13.16
CA HIS A 94 -8.02 9.44 -14.50
C HIS A 94 -9.52 9.62 -14.45
N PRO A 95 -10.09 10.37 -15.40
CA PRO A 95 -11.55 10.38 -15.61
C PRO A 95 -11.98 9.13 -16.37
N TYR A 96 -12.08 8.03 -15.64
CA TYR A 96 -12.47 6.76 -16.23
C TYR A 96 -13.94 6.82 -16.68
N ALA A 97 -14.36 5.76 -17.38
CA ALA A 97 -15.66 5.74 -18.04
C ALA A 97 -16.84 6.03 -17.11
N ASN A 98 -16.65 5.98 -15.79
CA ASN A 98 -17.71 6.29 -14.84
C ASN A 98 -17.23 7.28 -13.78
N GLY A 99 -16.52 8.30 -14.20
CA GLY A 99 -16.08 9.36 -13.31
C GLY A 99 -14.59 9.30 -13.01
N TRP A 100 -14.12 10.32 -12.32
CA TRP A 100 -12.73 10.35 -11.89
C TRP A 100 -12.47 9.30 -10.83
N ARG A 101 -11.36 8.59 -10.96
CA ARG A 101 -10.96 7.61 -9.96
C ARG A 101 -9.46 7.65 -9.76
N VAL A 102 -9.05 7.18 -8.60
CA VAL A 102 -7.67 7.08 -8.17
C VAL A 102 -7.34 5.58 -8.15
N PHE A 103 -6.70 5.09 -9.19
CA PHE A 103 -6.31 3.69 -9.24
C PHE A 103 -4.83 3.53 -8.96
N THR A 104 -4.49 2.35 -8.46
CA THR A 104 -3.13 1.84 -8.48
C THR A 104 -3.06 0.75 -9.55
N PHE A 105 -2.16 0.93 -10.51
CA PHE A 105 -1.87 -0.09 -11.52
C PHE A 105 -0.48 -0.66 -11.27
N THR A 106 -0.44 -1.91 -10.81
CA THR A 106 0.79 -2.63 -10.54
C THR A 106 1.22 -3.42 -11.78
N LYS A 107 2.39 -3.08 -12.32
CA LYS A 107 2.89 -3.71 -13.54
C LYS A 107 4.13 -4.54 -13.24
N THR A 108 4.08 -5.81 -13.62
CA THR A 108 5.05 -6.85 -13.35
C THR A 108 5.53 -7.49 -14.65
N PRO A 109 6.78 -7.93 -14.69
CA PRO A 109 7.26 -8.66 -15.88
C PRO A 109 6.52 -9.98 -16.09
N LEU A 110 6.20 -10.28 -17.33
CA LEU A 110 5.55 -11.54 -17.70
C LEU A 110 6.58 -12.61 -18.04
N ILE A 111 6.77 -13.54 -17.12
CA ILE A 111 7.57 -14.74 -17.38
C ILE A 111 6.65 -15.94 -17.44
N MET A 112 7.05 -16.90 -18.25
CA MET A 112 6.27 -18.08 -18.56
C MET A 112 7.18 -19.30 -18.59
N PRO A 113 6.65 -20.52 -18.80
CA PRO A 113 7.53 -21.69 -18.79
C PRO A 113 8.56 -21.63 -19.92
N SER A 114 8.44 -20.60 -20.77
CA SER A 114 9.56 -20.20 -21.62
C SER A 114 10.74 -19.67 -20.80
N GLY A 115 10.46 -18.79 -19.84
CA GLY A 115 11.51 -18.03 -19.17
C GLY A 115 11.84 -16.71 -19.83
N ARG A 116 11.24 -16.41 -20.97
CA ARG A 116 11.45 -15.18 -21.72
C ARG A 116 10.56 -14.06 -21.19
N VAL A 117 11.04 -12.84 -21.32
CA VAL A 117 10.25 -11.64 -21.04
C VAL A 117 9.24 -11.48 -22.19
N ALA A 118 8.01 -11.95 -21.98
CA ALA A 118 7.07 -11.86 -23.10
C ALA A 118 6.35 -10.53 -23.15
N GLY A 119 6.19 -9.88 -22.00
CA GLY A 119 5.49 -8.61 -21.91
C GLY A 119 5.32 -8.22 -20.46
N THR A 120 4.12 -7.77 -20.09
CA THR A 120 3.86 -7.35 -18.72
C THR A 120 2.45 -7.76 -18.32
N ILE A 121 2.25 -7.93 -17.02
CA ILE A 121 0.94 -8.10 -16.40
C ILE A 121 0.66 -6.83 -15.61
N PHE A 122 -0.58 -6.36 -15.69
CA PHE A 122 -1.01 -5.18 -14.94
C PHE A 122 -2.22 -5.54 -14.10
N HIS A 123 -2.19 -5.07 -12.85
CA HIS A 123 -3.25 -5.24 -11.87
C HIS A 123 -3.69 -3.85 -11.40
N GLY A 124 -4.90 -3.48 -11.71
CA GLY A 124 -5.46 -2.20 -11.30
C GLY A 124 -6.32 -2.36 -10.05
N GLN A 125 -6.09 -1.47 -9.08
CA GLN A 125 -6.83 -1.50 -7.82
C GLN A 125 -7.46 -0.14 -7.57
N ASP A 126 -8.78 -0.14 -7.33
CA ASP A 126 -9.53 1.08 -7.06
C ASP A 126 -9.28 1.54 -5.64
N LEU A 127 -8.52 2.63 -5.49
CA LEU A 127 -8.13 3.15 -4.19
C LEU A 127 -9.16 4.09 -3.57
N THR A 128 -10.11 4.61 -4.34
CA THR A 128 -10.99 5.67 -3.83
C THR A 128 -11.81 5.21 -2.62
N ASP A 129 -12.58 4.13 -2.76
CA ASP A 129 -13.42 3.67 -1.66
C ASP A 129 -12.61 3.01 -0.55
N THR A 130 -11.65 2.17 -0.95
CA THR A 130 -10.91 1.40 0.03
C THR A 130 -9.97 2.28 0.84
N ALA A 131 -9.57 3.44 0.33
CA ALA A 131 -8.78 4.36 1.14
C ALA A 131 -9.56 4.77 2.39
N GLY A 132 -10.81 5.18 2.23
CA GLY A 132 -11.63 5.53 3.38
C GLY A 132 -11.94 4.32 4.27
N ARG A 133 -12.20 3.16 3.65
CA ARG A 133 -12.51 1.99 4.48
C ARG A 133 -11.32 1.58 5.35
N ILE A 134 -10.13 1.46 4.75
CA ILE A 134 -8.93 1.11 5.52
C ILE A 134 -8.57 2.25 6.48
N GLU A 135 -8.90 3.50 6.17
CA GLU A 135 -8.55 4.57 7.09
C GLU A 135 -9.37 4.48 8.36
N ARG A 136 -10.69 4.24 8.25
CA ARG A 136 -11.49 4.08 9.45
C ARG A 136 -11.06 2.84 10.24
N ALA A 137 -10.71 1.75 9.53
CA ALA A 137 -10.21 0.56 10.20
C ALA A 137 -8.91 0.84 10.96
N VAL A 138 -7.96 1.52 10.32
CA VAL A 138 -6.65 1.80 10.93
C VAL A 138 -6.77 2.77 12.10
N VAL A 139 -7.67 3.75 12.03
CA VAL A 139 -7.73 4.70 13.15
C VAL A 139 -8.56 4.14 14.30
N GLU A 140 -9.42 3.14 14.05
CA GLU A 140 -10.02 2.44 15.18
C GLU A 140 -9.21 1.20 15.55
N LEU A 141 -8.05 1.03 14.90
CA LEU A 141 -6.99 0.19 15.42
C LEU A 141 -6.29 0.84 16.60
N LEU A 142 -6.35 2.17 16.70
CA LEU A 142 -5.76 2.89 17.82
C LEU A 142 -6.70 2.87 19.03
N LEU A 159 -15.04 23.12 8.67
CA LEU A 159 -14.23 24.31 8.41
C LEU A 159 -13.73 24.32 6.97
N ASN A 160 -13.44 25.51 6.46
CA ASN A 160 -13.21 25.75 5.03
C ASN A 160 -11.80 26.28 4.83
N LEU A 161 -10.84 25.36 4.76
CA LEU A 161 -9.47 25.76 4.44
C LEU A 161 -9.38 26.13 2.97
N THR A 162 -8.63 27.20 2.68
CA THR A 162 -8.35 27.57 1.32
C THR A 162 -7.34 26.61 0.71
N GLU A 163 -7.02 26.82 -0.57
CA GLU A 163 -6.08 25.93 -1.25
C GLU A 163 -4.68 26.05 -0.67
N ARG A 164 -4.20 27.28 -0.51
CA ARG A 164 -2.87 27.47 0.07
C ARG A 164 -2.84 27.01 1.52
N GLU A 165 -3.93 27.23 2.26
CA GLU A 165 -4.00 26.75 3.63
C GLU A 165 -3.97 25.23 3.68
N GLU A 166 -4.64 24.58 2.72
CA GLU A 166 -4.57 23.12 2.63
C GLU A 166 -3.14 22.65 2.37
N LEU A 167 -2.42 23.33 1.47
CA LEU A 167 -1.03 22.97 1.22
C LEU A 167 -0.18 23.13 2.48
N VAL A 168 -0.31 24.29 3.13
CA VAL A 168 0.47 24.58 4.33
C VAL A 168 0.19 23.54 5.40
N LEU A 169 -1.07 23.15 5.58
CA LEU A 169 -1.39 22.16 6.60
C LEU A 169 -0.89 20.78 6.23
N PHE A 170 -1.01 20.40 4.95
CA PHE A 170 -0.44 19.14 4.47
C PHE A 170 1.02 19.02 4.85
N PHE A 171 1.78 20.09 4.66
CA PHE A 171 3.20 19.99 4.97
C PHE A 171 3.51 20.21 6.45
N LEU A 172 2.65 20.95 7.16
CA LEU A 172 2.80 21.07 8.61
C LEU A 172 2.64 19.72 9.30
N LEU A 173 1.59 18.98 8.93
CA LEU A 173 1.35 17.64 9.47
C LEU A 173 2.44 16.65 9.08
N ARG A 174 3.35 17.01 8.18
CA ARG A 174 4.36 16.10 7.68
C ARG A 174 5.78 16.52 8.08
N GLY A 175 5.90 17.22 9.21
CA GLY A 175 7.18 17.50 9.82
C GLY A 175 7.93 18.71 9.28
N ARG A 176 7.34 19.47 8.37
CA ARG A 176 8.00 20.68 7.88
C ARG A 176 7.73 21.84 8.84
N THR A 177 8.63 22.80 8.84
CA THR A 177 8.46 24.02 9.61
C THR A 177 8.10 25.17 8.66
N ALA A 178 7.75 26.31 9.25
CA ALA A 178 7.25 27.43 8.44
C ALA A 178 8.26 27.85 7.40
N LYS A 179 9.56 27.76 7.71
CA LYS A 179 10.58 28.17 6.74
C LYS A 179 10.74 27.13 5.64
N ASP A 180 10.61 25.85 5.98
CA ASP A 180 10.61 24.80 4.96
C ASP A 180 9.44 24.98 4.00
N ILE A 181 8.25 25.26 4.54
CA ILE A 181 7.07 25.46 3.70
C ILE A 181 7.25 26.73 2.86
N ALA A 182 7.82 27.78 3.44
CA ALA A 182 8.13 28.98 2.67
C ALA A 182 9.01 28.65 1.48
N GLY A 183 10.01 27.79 1.69
CA GLY A 183 10.83 27.34 0.58
C GLY A 183 10.03 26.57 -0.45
N MET A 184 9.23 25.61 0.01
CA MET A 184 8.51 24.72 -0.91
C MET A 184 7.48 25.48 -1.75
N LEU A 185 6.87 26.54 -1.21
CA LEU A 185 5.87 27.30 -1.95
C LEU A 185 6.41 28.60 -2.52
N GLY A 186 7.68 28.90 -2.29
CA GLY A 186 8.28 30.10 -2.88
C GLY A 186 7.69 31.41 -2.39
N ARG A 187 7.34 31.48 -1.12
CA ARG A 187 6.90 32.72 -0.50
C ARG A 187 7.74 32.98 0.73
N SER A 188 7.59 34.17 1.31
CA SER A 188 8.41 34.50 2.49
C SER A 188 7.90 33.76 3.73
N PRO A 189 8.72 33.58 4.78
CA PRO A 189 8.27 32.94 6.00
C PRO A 189 7.11 33.70 6.65
N ARG A 190 7.09 35.03 6.58
CA ARG A 190 5.97 35.80 7.18
C ARG A 190 4.68 35.37 6.51
N THR A 191 4.68 35.23 5.19
CA THR A 191 3.45 34.83 4.46
C THR A 191 2.99 33.48 4.98
N ILE A 192 3.88 32.52 5.12
CA ILE A 192 3.51 31.18 5.58
C ILE A 192 3.04 31.25 7.03
N GLU A 193 3.67 32.12 7.83
CA GLU A 193 3.26 32.29 9.21
C GLU A 193 1.84 32.86 9.31
N HIS A 194 1.52 33.82 8.45
CA HIS A 194 0.14 34.32 8.38
C HIS A 194 -0.84 33.20 8.02
N ALA A 195 -0.46 32.36 7.04
CA ALA A 195 -1.32 31.24 6.66
C ALA A 195 -1.53 30.29 7.83
N ILE A 196 -0.46 29.99 8.57
CA ILE A 196 -0.57 29.10 9.73
C ILE A 196 -1.47 29.72 10.79
N GLU A 197 -1.36 31.04 10.99
CA GLU A 197 -2.23 31.71 11.95
C GLU A 197 -3.69 31.56 11.56
N ARG A 198 -4.01 31.72 10.28
CA ARG A 198 -5.41 31.63 9.86
C ARG A 198 -5.91 30.18 9.95
N ILE A 199 -5.04 29.21 9.66
CA ILE A 199 -5.43 27.81 9.83
C ILE A 199 -5.70 27.50 11.29
N ARG A 200 -4.77 27.87 12.17
CA ARG A 200 -4.92 27.70 13.61
C ARG A 200 -6.25 28.27 14.09
N ASN A 201 -6.56 29.50 13.69
CA ASN A 201 -7.80 30.13 14.16
C ASN A 201 -9.02 29.42 13.59
N LYS A 202 -8.94 28.94 12.35
CA LYS A 202 -10.05 28.16 11.81
C LYS A 202 -10.29 26.89 12.60
N PHE A 203 -9.22 26.28 13.11
CA PHE A 203 -9.36 25.09 13.95
C PHE A 203 -9.80 25.44 15.37
N GLY A 204 -9.63 26.69 15.79
CA GLY A 204 -9.86 27.06 17.17
C GLY A 204 -8.72 26.73 18.08
N ALA A 205 -7.54 26.43 17.54
CA ALA A 205 -6.40 26.04 18.34
C ALA A 205 -5.71 27.28 18.93
N GLY A 206 -5.05 27.09 20.06
CA GLY A 206 -4.40 28.19 20.76
C GLY A 206 -2.96 28.40 20.34
N ASN A 207 -2.31 27.34 19.87
CA ASN A 207 -0.96 27.44 19.35
C ASN A 207 -0.74 26.36 18.30
N LYS A 208 0.47 26.36 17.73
CA LYS A 208 0.80 25.40 16.68
C LYS A 208 0.66 23.96 17.17
N ARG A 209 1.04 23.69 18.41
CA ARG A 209 1.00 22.32 18.91
C ARG A 209 -0.44 21.85 19.09
N GLU A 210 -1.31 22.73 19.59
CA GLU A 210 -2.73 22.42 19.64
C GLU A 210 -3.30 22.23 18.24
N LEU A 211 -2.80 23.01 17.27
CA LEU A 211 -3.24 22.84 15.89
C LEU A 211 -2.88 21.46 15.37
N ILE A 212 -1.64 21.03 15.60
CA ILE A 212 -1.21 19.69 15.17
C ILE A 212 -2.11 18.63 15.82
N ASP A 213 -2.35 18.76 17.12
CA ASP A 213 -3.16 17.76 17.82
C ASP A 213 -4.59 17.72 17.27
N MET A 214 -5.20 18.89 17.13
CA MET A 214 -6.57 18.97 16.61
C MET A 214 -6.66 18.39 15.20
N ALA A 215 -5.74 18.79 14.32
CA ALA A 215 -5.79 18.31 12.95
C ALA A 215 -5.57 16.80 12.87
N MET A 216 -4.63 16.27 13.66
CA MET A 216 -4.40 14.83 13.64
C MET A 216 -5.61 14.07 14.17
N SER A 217 -6.31 14.63 15.16
CA SER A 217 -7.45 13.94 15.72
C SER A 217 -8.70 14.07 14.87
N LYS A 218 -8.74 15.03 13.94
CA LYS A 218 -9.89 15.25 13.08
C LYS A 218 -9.73 14.64 11.69
N GLY A 219 -8.74 13.78 11.50
CA GLY A 219 -8.57 13.09 10.23
C GLY A 219 -7.84 13.85 9.16
N TYR A 220 -7.23 14.99 9.47
CA TYR A 220 -6.61 15.82 8.43
C TYR A 220 -5.28 15.28 7.92
N TYR A 221 -4.71 14.24 8.54
CA TYR A 221 -3.49 13.66 7.97
C TYR A 221 -3.77 12.99 6.63
N SER A 222 -4.99 12.54 6.40
CA SER A 222 -5.37 11.87 5.16
C SER A 222 -5.94 12.84 4.14
N MET A 223 -5.92 14.13 4.43
CA MET A 223 -6.45 15.11 3.49
C MET A 223 -5.49 15.30 2.32
N VAL A 224 -6.07 15.39 1.14
CA VAL A 224 -5.36 15.72 -0.08
C VAL A 224 -5.73 17.14 -0.46
N PRO A 225 -4.77 18.01 -0.74
CA PRO A 225 -5.13 19.39 -1.08
C PRO A 225 -5.99 19.39 -2.33
N LYS A 226 -7.12 20.11 -2.26
CA LYS A 226 -8.10 20.07 -3.33
C LYS A 226 -7.57 20.64 -4.64
N ALA A 227 -6.50 21.44 -4.60
CA ALA A 227 -5.88 21.88 -5.86
C ALA A 227 -5.38 20.71 -6.68
N LEU A 228 -5.12 19.56 -6.05
CA LEU A 228 -4.72 18.33 -6.72
C LEU A 228 -5.88 17.59 -7.34
N PHE A 229 -7.12 17.97 -7.04
CA PHE A 229 -8.28 17.22 -7.51
C PHE A 229 -8.46 17.38 -9.02
N HIS A 230 -9.00 16.33 -9.63
CA HIS A 230 -9.31 16.25 -11.06
C HIS A 230 -8.21 16.84 -11.94
N THR A 231 -6.99 16.31 -11.78
CA THR A 231 -5.96 16.50 -12.79
C THR A 231 -5.37 15.14 -13.11
N GLN A 232 -5.23 14.85 -14.40
CA GLN A 232 -4.96 13.50 -14.90
C GLN A 232 -3.47 13.18 -14.71
N VAL A 233 -3.16 12.07 -14.03
CA VAL A 233 -1.77 11.68 -13.82
C VAL A 233 -1.61 10.17 -14.00
N SER A 234 -0.39 9.77 -14.30
CA SER A 234 0.07 8.40 -14.11
C SER A 234 1.55 8.47 -13.76
N MET A 235 1.90 8.00 -12.57
CA MET A 235 3.23 8.18 -12.01
C MET A 235 3.70 6.87 -11.41
N LEU A 236 4.96 6.52 -11.61
CA LEU A 236 5.47 5.32 -10.97
C LEU A 236 5.84 5.68 -9.54
N LEU A 237 5.44 4.84 -8.60
CA LEU A 237 5.76 5.06 -7.21
C LEU A 237 7.17 4.57 -6.91
N LYS A 238 7.88 5.33 -6.09
CA LYS A 238 9.31 5.12 -5.91
C LYS A 238 9.68 4.94 -4.44
N GLU B 8 -6.27 -34.11 -15.00
CA GLU B 8 -7.29 -33.09 -15.21
C GLU B 8 -6.68 -31.77 -15.67
N GLY B 9 -7.48 -30.96 -16.35
CA GLY B 9 -6.98 -29.67 -16.83
C GLY B 9 -6.86 -28.62 -15.75
N ASP B 10 -7.69 -28.70 -14.71
CA ASP B 10 -7.61 -27.65 -13.70
C ASP B 10 -6.35 -27.75 -12.84
N ASP B 11 -5.67 -28.88 -12.78
CA ASP B 11 -4.39 -28.83 -12.07
C ASP B 11 -3.26 -28.44 -13.01
N ALA B 12 -3.47 -28.58 -14.32
CA ALA B 12 -2.61 -27.87 -15.24
C ALA B 12 -2.70 -26.37 -15.00
N TYR B 13 -3.91 -25.87 -14.73
CA TYR B 13 -4.08 -24.47 -14.36
C TYR B 13 -3.43 -24.18 -13.00
N ILE B 14 -3.48 -25.13 -12.06
CA ILE B 14 -2.85 -24.86 -10.76
C ILE B 14 -1.34 -24.74 -10.92
N ARG B 15 -0.72 -25.58 -11.75
CA ARG B 15 0.73 -25.48 -11.96
C ARG B 15 1.07 -24.19 -12.70
N SER B 16 0.21 -23.77 -13.62
CA SER B 16 0.50 -22.52 -14.35
C SER B 16 0.49 -21.36 -13.37
N LEU B 17 -0.49 -21.33 -12.45
CA LEU B 17 -0.57 -20.21 -11.47
C LEU B 17 0.46 -20.41 -10.36
N ILE B 18 0.93 -21.63 -10.12
CA ILE B 18 2.06 -21.78 -9.22
C ILE B 18 3.29 -21.15 -9.85
N HIS B 19 3.48 -21.32 -11.15
CA HIS B 19 4.56 -20.58 -11.80
C HIS B 19 4.29 -19.09 -11.73
N PHE B 20 3.03 -18.70 -11.90
CA PHE B 20 2.65 -17.28 -11.80
C PHE B 20 3.04 -16.71 -10.44
N PHE B 21 2.57 -17.33 -9.35
CA PHE B 21 2.84 -16.82 -8.01
C PHE B 21 4.34 -16.89 -7.72
N GLY B 22 5.00 -17.93 -8.24
CA GLY B 22 6.42 -17.98 -8.03
C GLY B 22 7.20 -16.90 -8.73
N ASN B 23 6.54 -16.08 -9.55
CA ASN B 23 7.29 -15.01 -10.17
C ASN B 23 6.53 -13.70 -9.97
N GLN B 24 6.17 -13.44 -8.72
CA GLN B 24 5.62 -12.17 -8.25
C GLN B 24 6.38 -11.76 -6.98
N PRO B 25 6.73 -10.50 -6.86
CA PRO B 25 7.38 -10.04 -5.62
C PRO B 25 6.43 -9.96 -4.44
N ASP B 26 5.12 -9.94 -4.66
CA ASP B 26 4.15 -9.86 -3.56
C ASP B 26 3.94 -11.23 -2.93
N PRO B 27 3.64 -11.29 -1.63
CA PRO B 27 3.19 -12.55 -1.05
C PRO B 27 1.91 -13.05 -1.71
N TRP B 28 2.02 -14.18 -2.40
CA TRP B 28 0.92 -14.80 -3.14
C TRP B 28 0.78 -16.24 -2.70
N GLY B 29 -0.44 -16.76 -2.75
CA GLY B 29 -0.62 -18.17 -2.43
C GLY B 29 -2.05 -18.62 -2.67
N ILE B 30 -2.24 -19.93 -2.52
CA ILE B 30 -3.51 -20.61 -2.70
C ILE B 30 -3.73 -21.60 -1.57
N LYS B 31 -4.96 -21.66 -1.08
CA LYS B 31 -5.45 -22.65 -0.12
C LYS B 31 -6.72 -23.30 -0.65
N ASP B 32 -7.17 -24.32 0.07
CA ASP B 32 -8.31 -25.13 -0.32
C ASP B 32 -9.54 -24.75 0.49
N THR B 33 -10.60 -25.56 0.38
CA THR B 33 -11.80 -25.35 1.18
C THR B 33 -11.60 -25.75 2.64
N LYS B 34 -10.56 -26.52 2.94
CA LYS B 34 -10.17 -26.80 4.32
C LYS B 34 -9.08 -25.85 4.80
N SER B 35 -8.86 -24.75 4.06
CA SER B 35 -7.79 -23.78 4.32
C SER B 35 -6.44 -24.43 4.53
N VAL B 36 -6.18 -25.61 3.97
CA VAL B 36 -4.87 -26.21 4.07
C VAL B 36 -4.08 -25.75 2.87
N PHE B 37 -2.83 -25.33 3.09
CA PHE B 37 -2.05 -24.68 2.07
C PHE B 37 -1.88 -25.57 0.84
N ILE B 38 -2.11 -24.98 -0.33
CA ILE B 38 -1.80 -25.62 -1.59
C ILE B 38 -0.51 -25.09 -2.18
N TYR B 39 -0.31 -23.76 -2.14
CA TYR B 39 0.99 -23.20 -2.51
C TYR B 39 1.13 -21.80 -1.91
N ALA B 40 2.37 -21.38 -1.72
CA ALA B 40 2.70 -20.01 -1.34
C ALA B 40 4.10 -19.72 -1.84
N ASN B 41 4.29 -18.58 -2.49
CA ASN B 41 5.62 -18.26 -3.03
C ASN B 41 6.62 -18.01 -1.90
N GLN B 42 7.89 -17.88 -2.29
CA GLN B 42 8.92 -17.59 -1.30
C GLN B 42 8.71 -16.25 -0.61
N PRO B 43 8.23 -15.20 -1.27
CA PRO B 43 7.89 -14.00 -0.51
C PRO B 43 6.96 -14.23 0.67
N PHE B 44 5.88 -14.99 0.49
CA PHE B 44 4.92 -15.10 1.59
C PHE B 44 5.49 -15.85 2.77
N ARG B 45 5.96 -17.06 2.52
CA ARG B 45 6.45 -17.83 3.64
C ARG B 45 7.79 -17.33 4.11
N GLU B 46 8.43 -16.35 3.41
CA GLU B 46 9.52 -15.61 4.07
C GLU B 46 8.96 -14.47 4.92
N LEU B 47 7.76 -14.00 4.59
CA LEU B 47 7.07 -13.02 5.40
C LEU B 47 6.46 -13.69 6.63
N VAL B 48 5.96 -14.91 6.46
CA VAL B 48 5.66 -15.81 7.57
C VAL B 48 6.99 -16.51 7.90
N GLY B 49 7.07 -17.19 9.06
CA GLY B 49 8.31 -17.79 9.49
C GLY B 49 8.86 -18.90 8.62
N MET B 50 8.19 -19.35 7.57
CA MET B 50 8.76 -20.48 6.83
C MET B 50 9.62 -20.00 5.69
N LYS B 51 10.52 -19.10 6.07
CA LYS B 51 11.49 -18.57 5.16
C LYS B 51 12.15 -19.86 4.78
N ASN B 52 12.49 -19.97 3.49
CA ASN B 52 13.56 -20.87 3.17
C ASN B 52 13.16 -22.35 3.27
N ARG B 53 12.31 -22.76 4.24
CA ARG B 53 12.22 -24.19 4.56
C ARG B 53 11.08 -25.07 4.02
N ASN B 54 9.88 -24.89 4.56
CA ASN B 54 8.83 -25.89 4.42
C ASN B 54 7.92 -25.61 3.23
N VAL B 55 7.87 -26.52 2.26
CA VAL B 55 6.70 -26.68 1.41
C VAL B 55 5.47 -26.92 2.31
N GLU B 56 4.30 -26.45 1.89
CA GLU B 56 3.16 -26.51 2.79
C GLU B 56 2.03 -27.39 2.29
N GLY B 57 1.47 -28.11 3.24
CA GLY B 57 0.29 -28.93 3.16
C GLY B 57 -0.32 -28.71 4.53
N LEU B 58 0.00 -27.54 5.08
CA LEU B 58 -0.32 -27.13 6.44
C LEU B 58 -1.57 -26.25 6.47
N THR B 59 -2.11 -26.08 7.68
CA THR B 59 -3.08 -25.04 7.98
C THR B 59 -2.36 -23.76 8.40
N ASP B 60 -3.14 -22.73 8.70
CA ASP B 60 -2.59 -21.44 9.08
C ASP B 60 -1.95 -21.44 10.46
N ALA B 61 -2.33 -22.37 11.33
CA ALA B 61 -1.76 -22.45 12.67
C ALA B 61 -0.37 -23.08 12.70
N ASP B 62 0.04 -23.79 11.66
CA ASP B 62 1.27 -24.57 11.67
C ASP B 62 2.51 -23.76 11.28
N MET B 63 2.46 -22.44 11.32
CA MET B 63 3.60 -21.62 10.94
C MET B 63 4.36 -21.04 12.14
N ASP B 64 5.67 -20.95 11.94
CA ASP B 64 6.62 -20.28 12.82
C ASP B 64 6.49 -18.75 12.80
N CYS B 65 5.30 -18.24 13.08
CA CYS B 65 5.09 -16.81 13.20
C CYS B 65 3.79 -16.56 13.95
N GLU B 66 3.71 -15.38 14.58
CA GLU B 66 2.62 -15.11 15.51
C GLU B 66 1.28 -15.01 14.81
N THR B 67 1.29 -14.78 13.49
CA THR B 67 0.07 -14.85 12.68
C THR B 67 -0.76 -16.08 13.02
N ALA B 68 -0.10 -17.20 13.36
CA ALA B 68 -0.81 -18.45 13.62
C ALA B 68 -1.86 -18.30 14.73
N ALA B 69 -1.62 -17.40 15.68
CA ALA B 69 -2.59 -17.19 16.76
C ALA B 69 -3.93 -16.69 16.25
N PHE B 70 -3.96 -16.09 15.06
CA PHE B 70 -5.19 -15.64 14.43
C PHE B 70 -5.64 -16.56 13.31
N ALA B 71 -5.06 -17.76 13.23
CA ALA B 71 -5.42 -18.72 12.18
C ALA B 71 -6.94 -18.91 12.10
N ASP B 72 -7.59 -19.14 13.25
CA ASP B 72 -9.04 -19.24 13.30
C ASP B 72 -9.71 -18.18 12.43
N SER B 73 -9.41 -16.89 12.66
CA SER B 73 -10.15 -15.85 11.97
C SER B 73 -9.73 -15.77 10.51
N PHE B 74 -8.47 -16.11 10.22
CA PHE B 74 -8.07 -16.32 8.83
C PHE B 74 -9.05 -17.28 8.17
N GLN B 75 -9.21 -18.45 8.79
CA GLN B 75 -10.05 -19.47 8.19
C GLN B 75 -11.48 -18.96 8.05
N ALA B 76 -11.94 -18.18 9.02
CA ALA B 76 -13.29 -17.64 8.92
C ALA B 76 -13.43 -16.78 7.67
N GLN B 77 -12.47 -15.88 7.45
CA GLN B 77 -12.44 -15.11 6.22
C GLN B 77 -12.46 -16.04 5.02
N ASP B 78 -11.60 -17.06 5.04
CA ASP B 78 -11.48 -17.99 3.93
C ASP B 78 -12.80 -18.68 3.60
N ARG B 79 -13.82 -18.55 4.43
CA ARG B 79 -15.09 -19.21 4.17
C ARG B 79 -16.17 -18.28 3.64
N LEU B 80 -16.05 -16.97 3.85
CA LEU B 80 -17.07 -16.08 3.31
C LEU B 80 -16.69 -15.47 1.97
N VAL B 81 -15.39 -15.48 1.63
CA VAL B 81 -14.97 -15.34 0.24
C VAL B 81 -15.43 -16.55 -0.59
N GLU B 82 -15.29 -17.76 -0.04
CA GLU B 82 -15.55 -18.96 -0.83
C GLU B 82 -17.01 -19.09 -1.20
N GLN B 83 -17.91 -18.54 -0.40
CA GLN B 83 -19.33 -18.47 -0.75
C GLN B 83 -19.67 -17.15 -1.43
N GLY B 84 -18.88 -16.83 -2.44
CA GLY B 84 -19.05 -15.60 -3.22
C GLY B 84 -18.05 -15.59 -4.35
N ARG B 85 -18.23 -14.63 -5.26
CA ARG B 85 -17.27 -14.38 -6.31
C ARG B 85 -16.40 -13.15 -6.04
N GLU B 86 -16.90 -12.17 -5.29
CA GLU B 86 -16.20 -10.91 -5.16
C GLU B 86 -15.04 -11.04 -4.16
N LYS B 87 -14.12 -10.06 -4.20
CA LYS B 87 -12.94 -10.09 -3.35
C LYS B 87 -13.34 -9.72 -1.93
N LYS B 88 -12.46 -10.00 -0.98
CA LYS B 88 -12.56 -9.45 0.35
C LYS B 88 -11.20 -8.99 0.83
N ILE B 89 -11.15 -7.80 1.40
CA ILE B 89 -9.92 -7.20 1.87
C ILE B 89 -9.86 -7.33 3.38
N VAL B 90 -8.76 -7.85 3.90
CA VAL B 90 -8.58 -7.95 5.34
C VAL B 90 -7.33 -7.17 5.75
N LEU B 91 -7.50 -6.27 6.71
CA LEU B 91 -6.39 -5.58 7.37
C LEU B 91 -5.76 -6.57 8.34
N ASP B 92 -4.52 -6.97 8.08
CA ASP B 92 -3.76 -7.88 8.92
C ASP B 92 -2.58 -7.08 9.48
N VAL B 93 -2.68 -6.72 10.75
CA VAL B 93 -1.56 -6.06 11.44
C VAL B 93 -0.96 -7.09 12.37
N HIS B 94 0.29 -7.47 12.10
CA HIS B 94 0.84 -8.64 12.78
C HIS B 94 2.33 -8.45 13.02
N PRO B 95 2.86 -9.05 14.09
CA PRO B 95 4.32 -9.18 14.25
C PRO B 95 4.83 -10.31 13.36
N TYR B 96 4.98 -10.01 12.07
CA TYR B 96 5.42 -10.99 11.10
C TYR B 96 6.88 -11.37 11.35
N ALA B 97 7.33 -12.40 10.62
CA ALA B 97 8.64 -13.00 10.84
C ALA B 97 9.79 -12.01 10.76
N ASN B 98 9.56 -10.81 10.24
CA ASN B 98 10.61 -9.79 10.16
C ASN B 98 10.11 -8.46 10.73
N GLY B 99 9.40 -8.51 11.85
CA GLY B 99 8.93 -7.32 12.52
C GLY B 99 7.44 -7.10 12.30
N TRP B 100 6.92 -6.09 13.01
CA TRP B 100 5.52 -5.74 12.84
C TRP B 100 5.28 -5.14 11.46
N ARG B 101 4.19 -5.55 10.82
CA ARG B 101 3.81 -4.99 9.53
C ARG B 101 2.30 -4.84 9.44
N VAL B 102 1.90 -3.92 8.55
CA VAL B 102 0.51 -3.62 8.24
C VAL B 102 0.28 -4.12 6.81
N PHE B 103 -0.30 -5.31 6.67
CA PHE B 103 -0.62 -5.86 5.37
C PHE B 103 -2.12 -5.79 5.10
N THR B 104 -2.46 -5.77 3.82
CA THR B 104 -3.79 -6.13 3.37
C THR B 104 -3.70 -7.49 2.68
N PHE B 105 -4.51 -8.44 3.11
CA PHE B 105 -4.64 -9.70 2.41
C PHE B 105 -5.99 -9.69 1.70
N THR B 106 -5.96 -9.54 0.39
CA THR B 106 -7.15 -9.59 -0.44
C THR B 106 -7.31 -11.03 -0.92
N LYS B 107 -8.40 -11.67 -0.50
CA LYS B 107 -8.64 -13.07 -0.78
C LYS B 107 -9.86 -13.23 -1.68
N THR B 108 -9.68 -13.99 -2.77
CA THR B 108 -10.64 -14.27 -3.83
C THR B 108 -10.83 -15.79 -3.94
N PRO B 109 -12.00 -16.25 -4.34
CA PRO B 109 -12.19 -17.69 -4.53
C PRO B 109 -11.28 -18.27 -5.61
N LEU B 110 -10.82 -19.50 -5.36
CA LEU B 110 -10.02 -20.25 -6.33
C LEU B 110 -10.97 -20.97 -7.27
N ILE B 111 -11.19 -20.38 -8.45
CA ILE B 111 -11.97 -21.02 -9.51
C ILE B 111 -11.00 -21.43 -10.60
N MET B 112 -11.30 -22.56 -11.25
CA MET B 112 -10.42 -23.18 -12.23
C MET B 112 -11.24 -23.74 -13.39
N PRO B 113 -10.62 -24.23 -14.51
CA PRO B 113 -11.42 -24.57 -15.71
C PRO B 113 -12.47 -25.66 -15.51
N SER B 114 -12.51 -26.28 -14.35
CA SER B 114 -13.72 -26.98 -13.91
C SER B 114 -14.86 -25.98 -13.65
N GLY B 115 -14.55 -24.85 -13.02
CA GLY B 115 -15.57 -23.95 -12.53
C GLY B 115 -15.97 -24.16 -11.07
N ARG B 116 -15.41 -25.16 -10.40
CA ARG B 116 -15.75 -25.41 -9.00
C ARG B 116 -14.92 -24.53 -8.07
N VAL B 117 -15.53 -24.19 -6.93
CA VAL B 117 -14.84 -23.47 -5.84
C VAL B 117 -13.87 -24.44 -5.17
N ALA B 118 -12.59 -24.38 -5.55
CA ALA B 118 -11.60 -25.28 -4.99
C ALA B 118 -11.00 -24.78 -3.68
N GLY B 119 -10.97 -23.46 -3.49
CA GLY B 119 -10.38 -22.90 -2.29
C GLY B 119 -10.27 -21.40 -2.34
N THR B 120 -9.11 -20.86 -1.96
CA THR B 120 -8.93 -19.41 -1.95
C THR B 120 -7.54 -19.03 -2.42
N ILE B 121 -7.46 -17.85 -3.02
CA ILE B 121 -6.20 -17.17 -3.35
C ILE B 121 -6.11 -15.96 -2.45
N PHE B 122 -4.92 -15.71 -1.90
CA PHE B 122 -4.70 -14.56 -1.05
C PHE B 122 -3.55 -13.75 -1.62
N HIS B 123 -3.72 -12.42 -1.63
CA HIS B 123 -2.72 -11.49 -2.11
C HIS B 123 -2.35 -10.57 -0.95
N GLY B 124 -1.13 -10.66 -0.49
CA GLY B 124 -0.64 -9.80 0.59
C GLY B 124 0.10 -8.66 0.05
N GLN B 125 -0.28 -7.45 0.47
CA GLN B 125 0.34 -6.20 0.06
C GLN B 125 0.70 -5.40 1.28
N ASP B 126 1.95 -4.95 1.34
CA ASP B 126 2.42 -4.15 2.46
C ASP B 126 1.83 -2.75 2.33
N LEU B 127 0.93 -2.39 3.24
CA LEU B 127 0.20 -1.14 3.08
C LEU B 127 1.02 0.07 3.49
N THR B 128 1.98 -0.12 4.40
CA THR B 128 2.81 1.00 4.83
C THR B 128 3.68 1.50 3.68
N ASP B 129 4.30 0.56 2.95
CA ASP B 129 5.23 0.94 1.89
C ASP B 129 4.52 1.64 0.74
N THR B 130 3.39 1.08 0.30
CA THR B 130 2.69 1.72 -0.82
C THR B 130 1.98 3.00 -0.39
N ALA B 131 1.58 3.10 0.88
CA ALA B 131 1.06 4.36 1.40
C ALA B 131 2.12 5.45 1.37
N GLY B 132 3.33 5.13 1.86
CA GLY B 132 4.42 6.10 1.80
C GLY B 132 4.79 6.46 0.38
N ARG B 133 4.73 5.49 -0.53
CA ARG B 133 5.01 5.76 -1.94
C ARG B 133 4.00 6.74 -2.51
N ILE B 134 2.71 6.54 -2.20
CA ILE B 134 1.68 7.46 -2.67
C ILE B 134 1.85 8.83 -2.05
N GLU B 135 2.38 8.90 -0.82
CA GLU B 135 2.58 10.20 -0.21
C GLU B 135 3.73 10.95 -0.88
N ARG B 136 4.82 10.24 -1.19
CA ARG B 136 5.92 10.88 -1.91
C ARG B 136 5.48 11.30 -3.31
N ALA B 137 4.63 10.50 -3.96
CA ALA B 137 4.07 10.88 -5.25
C ALA B 137 3.24 12.16 -5.14
N VAL B 138 2.42 12.26 -4.09
CA VAL B 138 1.61 13.46 -3.90
C VAL B 138 2.48 14.67 -3.61
N VAL B 139 3.57 14.45 -2.89
CA VAL B 139 4.50 15.57 -2.58
C VAL B 139 5.13 16.04 -3.90
N GLU B 140 5.52 15.10 -4.75
CA GLU B 140 6.15 15.43 -6.07
C GLU B 140 5.13 16.18 -6.93
N LEU B 141 3.86 15.78 -6.87
CA LEU B 141 2.82 16.48 -7.65
C LEU B 141 2.72 17.91 -7.13
N LEU B 142 2.91 18.11 -5.81
CA LEU B 142 2.81 19.46 -5.28
C LEU B 142 4.08 20.29 -5.48
N LEU B 143 5.10 19.74 -6.13
CA LEU B 143 6.39 20.39 -6.35
C LEU B 143 6.89 20.05 -7.75
N PRO B 144 8.02 20.62 -8.21
CA PRO B 144 8.60 20.15 -9.47
C PRO B 144 9.52 18.94 -9.27
N VAL B 157 17.19 17.03 7.34
CA VAL B 157 18.14 16.25 8.12
C VAL B 157 17.51 14.94 8.59
N GLY B 158 17.70 13.88 7.81
CA GLY B 158 17.25 12.56 8.23
C GLY B 158 18.09 12.03 9.37
N LEU B 159 17.52 11.99 10.57
CA LEU B 159 18.24 11.59 11.77
C LEU B 159 18.25 10.08 11.97
N ASN B 160 17.59 9.32 11.09
CA ASN B 160 17.43 7.87 11.17
C ASN B 160 17.09 7.41 12.58
N LEU B 161 15.90 7.77 13.06
CA LEU B 161 15.40 7.25 14.32
C LEU B 161 14.85 5.84 14.11
N THR B 162 15.12 4.96 15.07
CA THR B 162 14.51 3.64 15.04
C THR B 162 13.04 3.75 15.40
N GLU B 163 12.32 2.63 15.33
CA GLU B 163 10.90 2.64 15.65
C GLU B 163 10.67 2.93 17.13
N ARG B 164 11.43 2.26 18.00
CA ARG B 164 11.31 2.52 19.43
C ARG B 164 11.74 3.94 19.77
N GLU B 165 12.76 4.45 19.09
CA GLU B 165 13.16 5.83 19.30
C GLU B 165 12.06 6.79 18.86
N GLU B 166 11.39 6.47 17.75
CA GLU B 166 10.26 7.28 17.32
C GLU B 166 9.17 7.30 18.39
N LEU B 167 8.86 6.14 18.98
CA LEU B 167 7.84 6.07 20.03
C LEU B 167 8.27 6.89 21.25
N VAL B 168 9.50 6.67 21.73
CA VAL B 168 9.99 7.36 22.91
C VAL B 168 9.97 8.87 22.70
N LEU B 169 10.38 9.35 21.52
CA LEU B 169 10.36 10.78 21.27
C LEU B 169 8.94 11.32 21.19
N PHE B 170 8.04 10.57 20.53
CA PHE B 170 6.64 10.94 20.50
C PHE B 170 6.10 11.20 21.90
N PHE B 171 6.46 10.33 22.84
CA PHE B 171 5.94 10.51 24.19
C PHE B 171 6.74 11.53 25.00
N LEU B 172 8.02 11.72 24.67
CA LEU B 172 8.82 12.77 25.30
C LEU B 172 8.24 14.14 24.99
N LEU B 173 7.94 14.39 23.72
CA LEU B 173 7.35 15.67 23.32
C LEU B 173 5.96 15.88 23.91
N ARG B 174 5.37 14.88 24.56
CA ARG B 174 4.03 14.97 25.11
C ARG B 174 4.02 14.89 26.64
N GLY B 175 5.13 15.26 27.27
CA GLY B 175 5.17 15.42 28.71
C GLY B 175 5.37 14.14 29.51
N ARG B 176 5.59 13.00 28.85
CA ARG B 176 5.85 11.78 29.58
C ARG B 176 7.33 11.67 29.95
N THR B 177 7.60 10.96 31.03
CA THR B 177 8.96 10.70 31.48
C THR B 177 9.35 9.25 31.19
N ALA B 178 10.63 8.95 31.40
CA ALA B 178 11.20 7.68 31.00
C ALA B 178 10.50 6.49 31.63
N LYS B 179 10.03 6.62 32.87
CA LYS B 179 9.36 5.49 33.51
C LYS B 179 7.96 5.30 32.94
N ASP B 180 7.29 6.38 32.56
CA ASP B 180 6.03 6.27 31.84
C ASP B 180 6.23 5.51 30.53
N ILE B 181 7.28 5.84 29.78
CA ILE B 181 7.54 5.15 28.52
C ILE B 181 7.85 3.68 28.77
N ALA B 182 8.66 3.41 29.81
CA ALA B 182 8.95 2.03 30.19
C ALA B 182 7.67 1.25 30.50
N GLY B 183 6.74 1.86 31.22
CA GLY B 183 5.47 1.19 31.49
C GLY B 183 4.67 0.94 30.23
N MET B 184 4.51 1.98 29.39
CA MET B 184 3.66 1.85 28.21
C MET B 184 4.22 0.88 27.19
N LEU B 185 5.54 0.76 27.10
CA LEU B 185 6.18 -0.09 26.09
C LEU B 185 6.66 -1.41 26.64
N GLY B 186 6.48 -1.68 27.94
CA GLY B 186 6.87 -2.95 28.49
C GLY B 186 8.36 -3.22 28.42
N ARG B 187 9.18 -2.19 28.63
CA ARG B 187 10.62 -2.33 28.71
C ARG B 187 11.11 -1.74 30.02
N SER B 188 12.36 -2.04 30.34
CA SER B 188 12.96 -1.55 31.57
C SER B 188 13.16 -0.03 31.49
N PRO B 189 13.17 0.66 32.64
CA PRO B 189 13.50 2.10 32.62
C PRO B 189 14.88 2.38 32.05
N ARG B 190 15.84 1.47 32.24
CA ARG B 190 17.18 1.72 31.74
C ARG B 190 17.26 1.58 30.23
N THR B 191 16.45 0.70 29.65
CA THR B 191 16.35 0.60 28.20
C THR B 191 15.79 1.89 27.61
N ILE B 192 14.71 2.40 28.20
CA ILE B 192 14.13 3.65 27.72
C ILE B 192 15.09 4.81 27.90
N GLU B 193 15.86 4.81 29.00
CA GLU B 193 16.84 5.86 29.21
C GLU B 193 17.94 5.80 28.15
N HIS B 194 18.40 4.60 27.81
CA HIS B 194 19.36 4.44 26.73
C HIS B 194 18.80 4.96 25.40
N ALA B 195 17.53 4.66 25.13
CA ALA B 195 16.90 5.18 23.91
C ALA B 195 16.88 6.71 23.92
N ILE B 196 16.55 7.31 25.05
CA ILE B 196 16.53 8.77 25.16
C ILE B 196 17.93 9.33 24.92
N GLU B 197 18.95 8.67 25.48
CA GLU B 197 20.33 9.12 25.29
C GLU B 197 20.73 9.08 23.82
N ARG B 198 20.37 8.00 23.12
CA ARG B 198 20.77 7.90 21.72
C ARG B 198 20.01 8.87 20.83
N ILE B 199 18.74 9.14 21.16
CA ILE B 199 18.02 10.20 20.45
C ILE B 199 18.72 11.54 20.67
N ARG B 200 19.03 11.84 21.94
CA ARG B 200 19.77 13.05 22.29
C ARG B 200 21.02 13.21 21.45
N ASN B 201 21.82 12.14 21.35
CA ASN B 201 23.06 12.22 20.59
C ASN B 201 22.80 12.38 19.10
N LYS B 202 21.78 11.72 18.56
CA LYS B 202 21.46 11.88 17.15
C LYS B 202 21.05 13.32 16.85
N PHE B 203 20.36 13.97 17.79
CA PHE B 203 20.00 15.37 17.61
C PHE B 203 21.17 16.31 17.91
N GLY B 204 22.18 15.86 18.64
CA GLY B 204 23.22 16.75 19.09
C GLY B 204 22.85 17.58 20.29
N ALA B 205 21.79 17.20 21.02
CA ALA B 205 21.32 17.96 22.15
C ALA B 205 22.15 17.68 23.39
N GLY B 206 22.19 18.64 24.30
CA GLY B 206 23.02 18.53 25.48
C GLY B 206 22.35 17.90 26.68
N ASN B 207 21.02 18.02 26.78
CA ASN B 207 20.27 17.36 27.83
C ASN B 207 18.86 17.08 27.32
N LYS B 208 18.03 16.48 28.19
CA LYS B 208 16.68 16.08 27.78
C LYS B 208 15.86 17.28 27.29
N ARG B 209 15.95 18.41 27.98
CA ARG B 209 15.09 19.53 27.63
C ARG B 209 15.53 20.21 26.34
N GLU B 210 16.84 20.29 26.11
CA GLU B 210 17.28 20.77 24.80
C GLU B 210 16.84 19.83 23.69
N LEU B 211 16.81 18.52 23.96
CA LEU B 211 16.29 17.59 22.97
C LEU B 211 14.83 17.87 22.68
N ILE B 212 14.03 18.07 23.74
CA ILE B 212 12.62 18.38 23.54
C ILE B 212 12.47 19.63 22.70
N ASP B 213 13.23 20.68 23.03
CA ASP B 213 13.11 21.96 22.31
C ASP B 213 13.53 21.81 20.85
N MET B 214 14.68 21.19 20.60
CA MET B 214 15.17 21.02 19.24
C MET B 214 14.20 20.19 18.40
N ALA B 215 13.73 19.06 18.94
CA ALA B 215 12.80 18.23 18.19
C ALA B 215 11.50 18.96 17.93
N MET B 216 11.00 19.70 18.92
CA MET B 216 9.77 20.45 18.76
C MET B 216 9.91 21.53 17.68
N SER B 217 11.09 22.13 17.59
CA SER B 217 11.31 23.20 16.62
C SER B 217 11.61 22.67 15.23
N LYS B 218 11.96 21.39 15.09
CA LYS B 218 12.30 20.80 13.81
C LYS B 218 11.16 20.01 13.19
N GLY B 219 9.94 20.19 13.71
CA GLY B 219 8.77 19.55 13.15
C GLY B 219 8.48 18.15 13.65
N TYR B 220 9.19 17.67 14.67
CA TYR B 220 9.01 16.30 15.13
C TYR B 220 7.77 16.10 15.97
N TYR B 221 7.07 17.18 16.36
CA TYR B 221 5.80 17.00 17.04
C TYR B 221 4.74 16.40 16.14
N SER B 222 4.85 16.55 14.83
CA SER B 222 3.84 16.04 13.91
C SER B 222 4.13 14.64 13.41
N MET B 223 5.25 14.02 13.79
CA MET B 223 5.49 12.65 13.39
C MET B 223 4.67 11.73 14.29
N VAL B 224 4.02 10.75 13.68
CA VAL B 224 3.33 9.69 14.43
C VAL B 224 4.16 8.41 14.21
N PRO B 225 4.54 7.74 15.34
CA PRO B 225 5.34 6.52 15.17
C PRO B 225 4.51 5.38 14.60
N LYS B 226 5.08 4.66 13.63
CA LYS B 226 4.34 3.51 13.09
C LYS B 226 4.18 2.44 14.16
N ALA B 227 5.06 2.45 15.17
CA ALA B 227 4.94 1.56 16.32
C ALA B 227 3.64 1.74 17.08
N LEU B 228 2.93 2.86 16.89
CA LEU B 228 1.66 3.02 17.58
C LEU B 228 0.58 2.13 16.98
N PHE B 229 0.75 1.70 15.74
CA PHE B 229 -0.21 0.82 15.09
C PHE B 229 0.08 -0.66 15.33
N HIS B 230 1.14 -0.96 16.09
CA HIS B 230 1.56 -2.33 16.38
C HIS B 230 0.65 -2.94 17.45
N THR B 231 -0.61 -3.13 17.07
CA THR B 231 -1.54 -3.95 17.83
C THR B 231 -2.08 -5.03 16.89
N GLN B 232 -2.09 -6.27 17.36
CA GLN B 232 -2.32 -7.39 16.47
C GLN B 232 -3.80 -7.49 16.17
N VAL B 233 -4.15 -7.36 14.89
CA VAL B 233 -5.53 -7.46 14.43
C VAL B 233 -5.51 -8.23 13.11
N SER B 234 -6.64 -8.81 12.76
CA SER B 234 -6.94 -9.14 11.37
C SER B 234 -8.44 -9.04 11.20
N MET B 235 -8.89 -8.03 10.47
CA MET B 235 -10.30 -7.69 10.36
C MET B 235 -10.63 -7.34 8.93
N LEU B 236 -11.79 -7.78 8.46
CA LEU B 236 -12.22 -7.47 7.11
C LEU B 236 -12.90 -6.10 7.06
N LEU B 237 -12.68 -5.38 5.96
CA LEU B 237 -13.30 -4.08 5.79
C LEU B 237 -14.76 -4.24 5.40
CAB A1U C . -3.31 2.70 -16.92
CAC A1U C . -4.51 2.10 -17.37
CAE A1U C . -3.23 0.37 -18.32
CAF A1U C . -2.10 1.05 -17.83
CAG A1U C . -5.83 2.75 -17.08
CAH A1U C . -3.15 -0.93 -19.08
NAA A1U C . -2.08 2.18 -17.14
NAD A1U C . -4.43 0.93 -18.07
OAI A1U C . -0.86 0.42 -18.11
CAB A1U D . -3.55 -13.66 7.12
CAC A1U D . -2.21 -14.05 6.88
CAE A1U D . -2.96 -15.70 5.41
CAF A1U D . -4.27 -15.25 5.71
CAG A1U D . -1.09 -13.33 7.58
CAH A1U D . -2.68 -16.81 4.46
NAA A1U D . -4.62 -14.26 6.53
NAD A1U D . -1.94 -15.07 6.02
OAI A1U D . -5.31 -15.93 5.04
#